data_6BOT
#
_entry.id   6BOT
#
_cell.length_a   44.247
_cell.length_b   60.944
_cell.length_c   73.292
_cell.angle_alpha   83.18
_cell.angle_beta   78.48
_cell.angle_gamma   87.21
#
_symmetry.space_group_name_H-M   'P 1'
#
loop_
_entity.id
_entity.type
_entity.pdbx_description
1 polymer 'DNA-(apurinic or apyrimidinic site) lyase'
2 polymer '21-mer DNA'
3 polymer '21-mer DNA'
4 non-polymer 1,2-ETHANEDIOL
5 water water
#
loop_
_entity_poly.entity_id
_entity_poly.type
_entity_poly.pdbx_seq_one_letter_code
_entity_poly.pdbx_strand_id
1 'polypeptide(L)'
;MPKRGKKGAVAEDGDELRTEPEAKKSKTAAKKNDKEAAGEGPALYEDPPDQKTSPSGKPATLKICSWNVDGLRAWIKKKG
LDWVKEEAPDILCLQETKCSENKLPAELQELPGLSHQYWSAPSDKEGYSGVGLLSRQAPLKVSYGIGDEEHDQEGRVIVA
EFDSFVLVTAYVPNAGRGLVRLEYRQRWDEAFRKFLKGLASRKPLVLCGDLNVAHEEIDLRNPKGNKKNAGFTPQERQGF
GELLQAVPLADSFRHLYPNTPYAYTFWTYMMNARSKNVGWRLDYFLLSHSLLPALCDSKIRSKALGSDHCPITLYLAL
;
A,B
2 'polydeoxyribonucleotide'
;(DG)(DC)(DT)(DG)(DA)(DT)(DG)(DC)(DG)(DC)(DV3)(DC)(DG)(DA)(DC)(DG)(DG)(DA)(DT)
(DC)(DC)
;
P
3 'polydeoxyribonucleotide'
;(DG)(DG)(DA)(DT)(DC)(DC)(DG)(DT)(DC)(DG)(DA)(DC)(DC)(DG)(DC)(DA)(DT)(DC)(DA)(DG)
(DC)
;
V
#
loop_
_chem_comp.id
_chem_comp.type
_chem_comp.name
_chem_comp.formula
DA DNA linking 2'-DEOXYADENOSINE-5'-MONOPHOSPHATE 'C10 H14 N5 O6 P'
DC DNA linking 2'-DEOXYCYTIDINE-5'-MONOPHOSPHATE 'C9 H14 N3 O7 P'
DG DNA linking 2'-DEOXYGUANOSINE-5'-MONOPHOSPHATE 'C10 H14 N5 O7 P'
DT DNA linking THYMIDINE-5'-MONOPHOSPHATE 'C10 H15 N2 O8 P'
DV3 non-polymer 1,4-anhydro-2-deoxy-5-O-thiophosphono-D-erythro-pentitol 'C5 H11 O5 P S'
EDO non-polymer 1,2-ETHANEDIOL 'C2 H6 O2'
#
# COMPACT_ATOMS: atom_id res chain seq x y z
N ALA A 43 0.93 42.48 8.66
CA ALA A 43 0.60 42.40 10.07
C ALA A 43 0.81 40.99 10.57
N LEU A 44 1.41 40.87 11.75
CA LEU A 44 1.57 39.56 12.37
C LEU A 44 0.20 38.99 12.73
N TYR A 45 0.19 37.69 12.99
CA TYR A 45 -1.04 36.97 13.32
C TYR A 45 -0.79 36.13 14.56
N GLU A 46 -1.80 36.01 15.41
CA GLU A 46 -1.80 35.05 16.49
C GLU A 46 -3.12 34.32 16.50
N ASP A 47 -3.06 33.01 16.33
CA ASP A 47 -4.23 32.16 16.32
C ASP A 47 -5.03 32.34 17.61
N PRO A 48 -6.36 32.41 17.54
CA PRO A 48 -7.16 32.47 18.78
C PRO A 48 -7.00 31.20 19.59
N PRO A 49 -7.38 31.20 20.86
CA PRO A 49 -7.20 30.02 21.70
C PRO A 49 -8.01 28.82 21.20
N ASP A 50 -7.57 27.63 21.61
CA ASP A 50 -8.24 26.39 21.24
C ASP A 50 -9.66 26.34 21.79
N GLN A 51 -10.64 26.28 20.89
CA GLN A 51 -12.03 26.10 21.25
C GLN A 51 -12.34 24.61 21.17
N LYS A 52 -12.37 23.93 22.32
CA LYS A 52 -12.48 22.48 22.37
C LYS A 52 -13.91 22.01 22.60
N THR A 53 -14.89 22.90 22.50
CA THR A 53 -16.29 22.54 22.65
CA THR A 53 -16.29 22.54 22.65
C THR A 53 -17.05 23.04 21.43
N SER A 54 -17.97 22.22 20.94
CA SER A 54 -18.75 22.59 19.78
C SER A 54 -19.72 23.72 20.14
N PRO A 55 -20.23 24.45 19.14
CA PRO A 55 -21.12 25.58 19.46
C PRO A 55 -22.35 25.17 20.25
N SER A 56 -22.84 23.94 20.05
CA SER A 56 -23.95 23.45 20.87
C SER A 56 -23.50 23.16 22.29
N GLY A 57 -22.25 22.70 22.48
CA GLY A 57 -21.72 22.50 23.82
C GLY A 57 -21.12 21.14 24.07
N LYS A 58 -21.01 20.31 23.03
CA LYS A 58 -20.45 18.96 23.13
C LYS A 58 -18.92 19.02 23.06
N PRO A 59 -18.21 18.21 23.84
CA PRO A 59 -16.75 18.35 23.90
C PRO A 59 -16.04 17.61 22.78
N ALA A 60 -14.96 18.23 22.29
CA ALA A 60 -14.12 17.60 21.28
C ALA A 60 -13.65 16.23 21.74
N THR A 61 -13.73 15.25 20.83
CA THR A 61 -13.27 13.89 21.10
C THR A 61 -12.26 13.39 20.07
N LEU A 62 -11.94 14.19 19.06
CA LEU A 62 -11.03 13.78 18.00
C LEU A 62 -10.18 14.98 17.60
N LYS A 63 -8.86 14.79 17.59
CA LYS A 63 -7.91 15.83 17.22
C LYS A 63 -7.10 15.36 16.03
N ILE A 64 -7.19 16.09 14.92
CA ILE A 64 -6.48 15.74 13.69
C ILE A 64 -5.49 16.85 13.37
N CYS A 65 -4.26 16.47 13.03
CA CYS A 65 -3.23 17.42 12.66
C CYS A 65 -2.72 17.09 11.26
N SER A 66 -2.44 18.12 10.48
CA SER A 66 -1.97 17.96 9.11
C SER A 66 -0.78 18.89 8.90
N TRP A 67 0.26 18.38 8.25
CA TRP A 67 1.49 19.17 8.17
C TRP A 67 2.29 18.81 6.92
N ASN A 68 2.49 19.79 6.04
CA ASN A 68 3.49 19.65 4.97
C ASN A 68 4.85 19.88 5.60
N VAL A 69 5.66 18.81 5.68
CA VAL A 69 6.87 18.83 6.49
C VAL A 69 8.13 19.17 5.69
N ASP A 70 8.02 19.36 4.37
CA ASP A 70 9.16 19.77 3.55
C ASP A 70 10.37 18.84 3.76
N GLY A 71 10.14 17.55 3.57
CA GLY A 71 11.20 16.59 3.80
C GLY A 71 11.16 15.99 5.19
N LEU A 72 10.63 14.77 5.29
CA LEU A 72 10.36 14.17 6.59
C LEU A 72 11.63 13.93 7.39
N ARG A 73 12.73 13.55 6.72
CA ARG A 73 13.97 13.31 7.44
C ARG A 73 14.55 14.61 7.98
N ALA A 74 14.58 15.66 7.14
CA ALA A 74 15.01 16.98 7.63
C ALA A 74 14.09 17.45 8.74
N TRP A 75 12.78 17.33 8.53
CA TRP A 75 11.79 17.78 9.51
C TRP A 75 12.01 17.12 10.87
N ILE A 76 12.33 15.82 10.88
CA ILE A 76 12.58 15.12 12.14
C ILE A 76 13.83 15.65 12.82
N LYS A 77 14.90 15.86 12.04
CA LYS A 77 16.11 16.44 12.61
C LYS A 77 15.90 17.85 13.15
N LYS A 78 14.92 18.58 12.63
CA LYS A 78 14.59 19.91 13.13
C LYS A 78 13.53 19.87 14.22
N LYS A 79 13.34 18.69 14.84
CA LYS A 79 12.53 18.48 16.04
C LYS A 79 11.04 18.54 15.74
N GLY A 80 10.67 18.14 14.51
CA GLY A 80 9.26 18.12 14.15
C GLY A 80 8.46 17.13 14.98
N LEU A 81 9.05 15.96 15.27
CA LEU A 81 8.35 14.97 16.08
C LEU A 81 8.15 15.44 17.51
N ASP A 82 9.09 16.23 18.04
CA ASP A 82 8.88 16.79 19.37
C ASP A 82 7.61 17.63 19.40
N TRP A 83 7.37 18.43 18.36
CA TRP A 83 6.16 19.23 18.34
C TRP A 83 4.92 18.35 18.22
N VAL A 84 5.00 17.28 17.42
CA VAL A 84 3.84 16.39 17.29
C VAL A 84 3.49 15.76 18.63
N LYS A 85 4.51 15.36 19.40
CA LYS A 85 4.26 14.77 20.71
C LYS A 85 3.59 15.77 21.66
N GLU A 86 4.03 17.03 21.64
CA GLU A 86 3.36 18.05 22.45
C GLU A 86 1.93 18.28 21.98
N GLU A 87 1.68 18.19 20.67
CA GLU A 87 0.34 18.43 20.15
C GLU A 87 -0.57 17.23 20.36
N ALA A 88 -0.01 16.02 20.42
CA ALA A 88 -0.72 14.80 20.77
C ALA A 88 -2.02 14.57 20.00
N PRO A 89 -1.98 14.58 18.67
CA PRO A 89 -3.21 14.37 17.90
C PRO A 89 -3.55 12.89 17.80
N ASP A 90 -4.82 12.62 17.52
CA ASP A 90 -5.26 11.25 17.29
C ASP A 90 -4.86 10.76 15.90
N ILE A 91 -4.78 11.68 14.95
CA ILE A 91 -4.42 11.38 13.57
C ILE A 91 -3.47 12.45 13.11
N LEU A 92 -2.42 12.06 12.40
CA LEU A 92 -1.45 12.99 11.83
C LEU A 92 -1.32 12.70 10.35
N CYS A 93 -1.45 13.75 9.53
CA CYS A 93 -1.34 13.65 8.08
C CYS A 93 -0.15 14.48 7.61
N LEU A 94 0.74 13.87 6.83
CA LEU A 94 1.96 14.52 6.40
C LEU A 94 2.00 14.58 4.88
N GLN A 95 2.45 15.71 4.35
CA GLN A 95 2.68 15.85 2.92
C GLN A 95 4.14 16.24 2.69
N GLU A 96 4.61 15.99 1.47
CA GLU A 96 6.01 16.25 1.09
C GLU A 96 6.98 15.48 2.00
N THR A 97 6.75 14.18 2.13
CA THR A 97 7.65 13.39 2.97
C THR A 97 9.03 13.26 2.34
N LYS A 98 9.11 13.21 1.01
CA LYS A 98 10.39 13.06 0.30
C LYS A 98 11.20 11.88 0.82
N CYS A 99 10.52 10.76 1.05
CA CYS A 99 11.17 9.67 1.81
C CYS A 99 10.39 8.37 1.63
N SER A 100 11.02 7.39 1.01
CA SER A 100 10.42 6.07 0.88
C SER A 100 10.37 5.36 2.24
N GLU A 101 9.53 4.32 2.32
CA GLU A 101 9.24 3.71 3.60
C GLU A 101 10.47 3.06 4.23
N ASN A 102 11.33 2.44 3.41
CA ASN A 102 12.53 1.81 3.94
C ASN A 102 13.46 2.82 4.60
N LYS A 103 13.30 4.12 4.30
CA LYS A 103 14.19 5.16 4.82
C LYS A 103 13.56 5.96 5.96
N LEU A 104 12.39 5.56 6.45
CA LEU A 104 11.74 6.31 7.53
C LEU A 104 12.59 6.25 8.80
N PRO A 105 12.91 7.39 9.42
CA PRO A 105 13.70 7.35 10.65
C PRO A 105 13.06 6.49 11.74
N ALA A 106 13.91 5.94 12.60
CA ALA A 106 13.47 5.01 13.63
C ALA A 106 12.57 5.69 14.65
N GLU A 107 12.74 7.00 14.84
CA GLU A 107 11.86 7.78 15.73
C GLU A 107 10.39 7.50 15.43
N LEU A 108 10.05 7.29 14.15
CA LEU A 108 8.66 7.14 13.76
C LEU A 108 8.02 5.85 14.27
N GLN A 109 8.83 4.83 14.58
CA GLN A 109 8.31 3.65 15.27
C GLN A 109 8.54 3.75 16.78
N GLU A 110 8.86 4.94 17.28
CA GLU A 110 8.78 5.24 18.71
C GLU A 110 7.54 6.09 19.04
N LEU A 111 6.46 5.91 18.27
CA LEU A 111 5.23 6.68 18.45
C LEU A 111 4.14 5.72 18.88
N PRO A 112 3.98 5.47 20.19
CA PRO A 112 2.95 4.51 20.63
C PRO A 112 1.54 5.05 20.57
N GLY A 113 1.36 6.37 20.53
CA GLY A 113 0.06 6.98 20.34
C GLY A 113 -0.31 7.22 18.90
N LEU A 114 0.57 6.89 17.95
CA LEU A 114 0.32 7.09 16.54
C LEU A 114 0.95 5.90 15.77
N SER A 115 0.53 4.70 16.13
CA SER A 115 1.24 3.49 15.73
C SER A 115 0.74 2.87 14.44
N HIS A 116 -0.44 3.24 13.98
CA HIS A 116 -0.96 2.74 12.70
C HIS A 116 -0.57 3.74 11.61
N GLN A 117 0.39 3.35 10.78
CA GLN A 117 1.07 4.28 9.89
C GLN A 117 0.94 3.79 8.45
N TYR A 118 0.67 4.73 7.55
CA TYR A 118 0.43 4.43 6.15
C TYR A 118 1.14 5.47 5.31
N TRP A 119 1.93 5.01 4.36
CA TRP A 119 2.82 5.86 3.59
C TRP A 119 2.57 5.63 2.12
N SER A 120 2.75 6.68 1.34
CA SER A 120 2.57 6.57 -0.10
C SER A 120 3.52 7.56 -0.76
N ALA A 121 4.43 7.04 -1.55
CA ALA A 121 5.41 7.80 -2.30
C ALA A 121 5.19 7.57 -3.80
N PRO A 122 5.63 8.49 -4.65
CA PRO A 122 5.57 8.23 -6.08
C PRO A 122 6.57 7.15 -6.45
N SER A 123 6.23 6.38 -7.49
CA SER A 123 7.10 5.28 -7.85
C SER A 123 8.20 5.68 -8.84
N TYR A 128 11.07 12.97 -3.74
CA TYR A 128 9.99 13.91 -4.06
C TYR A 128 8.60 13.47 -3.63
N SER A 129 7.71 14.45 -3.47
CA SER A 129 6.32 14.21 -3.10
C SER A 129 6.23 13.24 -1.96
N GLY A 130 5.14 12.53 -1.86
CA GLY A 130 4.96 11.55 -0.80
C GLY A 130 4.10 12.08 0.33
N VAL A 131 3.21 11.23 0.87
CA VAL A 131 2.32 11.61 1.95
C VAL A 131 2.25 10.47 2.97
N GLY A 132 1.82 10.82 4.18
CA GLY A 132 1.75 9.86 5.27
C GLY A 132 0.54 10.08 6.13
N LEU A 133 0.04 8.99 6.72
CA LEU A 133 -1.10 9.04 7.62
C LEU A 133 -0.83 8.16 8.83
N LEU A 134 -0.85 8.76 10.01
CA LEU A 134 -0.57 8.08 11.27
C LEU A 134 -1.78 8.24 12.18
N SER A 135 -2.19 7.15 12.84
CA SER A 135 -3.43 7.17 13.60
CA SER A 135 -3.45 7.14 13.57
C SER A 135 -3.29 6.37 14.88
N ARG A 136 -3.89 6.91 15.95
CA ARG A 136 -3.93 6.19 17.22
C ARG A 136 -4.63 4.84 17.08
N GLN A 137 -5.80 4.84 16.42
CA GLN A 137 -6.59 3.65 16.21
C GLN A 137 -6.45 3.18 14.76
N ALA A 138 -6.61 1.88 14.56
CA ALA A 138 -6.60 1.34 13.21
C ALA A 138 -7.82 1.86 12.46
N PRO A 139 -7.66 2.32 11.23
CA PRO A 139 -8.83 2.58 10.39
C PRO A 139 -9.48 1.29 9.93
N LEU A 140 -10.73 1.39 9.48
CA LEU A 140 -11.41 0.22 8.93
C LEU A 140 -10.87 -0.13 7.56
N LYS A 141 -10.52 0.87 6.76
CA LYS A 141 -10.03 0.67 5.41
C LYS A 141 -9.03 1.77 5.07
N VAL A 142 -7.99 1.41 4.33
CA VAL A 142 -7.03 2.38 3.79
C VAL A 142 -6.84 2.07 2.31
N SER A 143 -6.81 3.11 1.48
CA SER A 143 -6.48 2.98 0.08
C SER A 143 -5.66 4.19 -0.35
N TYR A 144 -5.00 4.07 -1.47
CA TYR A 144 -4.14 5.09 -2.00
C TYR A 144 -4.55 5.52 -3.38
N GLY A 145 -4.39 6.78 -3.66
CA GLY A 145 -4.73 7.30 -4.95
C GLY A 145 -6.15 7.75 -5.11
N ILE A 146 -6.48 8.23 -6.28
CA ILE A 146 -7.81 8.71 -6.55
C ILE A 146 -8.52 7.94 -7.62
N GLY A 147 -8.22 6.66 -7.75
CA GLY A 147 -8.86 5.80 -8.74
C GLY A 147 -8.67 6.19 -10.18
N GLN A 153 0.99 5.31 -9.49
CA GLN A 153 1.49 5.63 -8.16
C GLN A 153 2.08 7.04 -8.11
N GLU A 154 1.21 8.03 -7.91
CA GLU A 154 1.66 9.42 -7.77
C GLU A 154 2.04 9.78 -6.35
N GLY A 155 1.58 9.02 -5.36
CA GLY A 155 1.92 9.24 -3.98
C GLY A 155 1.38 10.53 -3.39
N ARG A 156 0.13 10.87 -3.68
CA ARG A 156 -0.43 12.16 -3.29
C ARG A 156 -1.67 12.09 -2.39
N VAL A 157 -2.38 10.97 -2.38
CA VAL A 157 -3.67 10.88 -1.72
C VAL A 157 -3.71 9.61 -0.88
N ILE A 158 -4.16 9.74 0.37
CA ILE A 158 -4.46 8.59 1.23
C ILE A 158 -5.89 8.73 1.70
N VAL A 159 -6.67 7.67 1.56
CA VAL A 159 -8.05 7.60 2.02
C VAL A 159 -8.11 6.60 3.16
N ALA A 160 -8.66 7.03 4.29
CA ALA A 160 -8.77 6.17 5.47
C ALA A 160 -10.20 6.24 5.99
N GLU A 161 -10.88 5.09 6.05
CA GLU A 161 -12.22 5.04 6.58
C GLU A 161 -12.19 4.70 8.05
N PHE A 162 -12.83 5.54 8.86
CA PHE A 162 -12.99 5.31 10.28
C PHE A 162 -14.47 5.04 10.57
N ASP A 163 -14.78 4.88 11.86
CA ASP A 163 -16.12 4.48 12.28
C ASP A 163 -17.19 5.42 11.74
N SER A 164 -17.07 6.72 12.02
CA SER A 164 -18.12 7.67 11.66
C SER A 164 -17.72 8.65 10.57
N PHE A 165 -16.55 8.51 9.95
CA PHE A 165 -16.20 9.41 8.87
C PHE A 165 -15.11 8.79 8.00
N VAL A 166 -14.93 9.39 6.82
CA VAL A 166 -13.84 9.04 5.91
C VAL A 166 -12.88 10.21 5.87
N LEU A 167 -11.60 9.92 6.08
CA LEU A 167 -10.55 10.94 6.03
C LEU A 167 -9.78 10.79 4.72
N VAL A 168 -9.68 11.89 3.98
CA VAL A 168 -8.83 11.99 2.80
C VAL A 168 -7.74 12.98 3.11
N THR A 169 -6.49 12.58 2.92
CA THR A 169 -5.39 13.54 2.96
C THR A 169 -4.78 13.63 1.56
N ALA A 170 -4.48 14.86 1.15
CA ALA A 170 -4.05 15.08 -0.22
C ALA A 170 -2.88 16.04 -0.22
N TYR A 171 -1.97 15.80 -1.16
CA TYR A 171 -0.91 16.75 -1.51
C TYR A 171 -1.17 17.11 -2.97
N VAL A 172 -1.84 18.23 -3.18
CA VAL A 172 -2.37 18.55 -4.51
C VAL A 172 -1.23 19.01 -5.41
N PRO A 173 -1.20 18.60 -6.68
CA PRO A 173 -0.07 18.98 -7.55
C PRO A 173 0.03 20.49 -7.74
N ASN A 174 1.25 20.99 -7.61
CA ASN A 174 1.55 22.40 -7.74
C ASN A 174 1.54 22.80 -9.22
N ALA A 175 1.02 24.00 -9.49
CA ALA A 175 0.95 24.49 -10.87
C ALA A 175 2.32 24.85 -11.43
N GLY A 176 3.31 25.07 -10.56
CA GLY A 176 4.68 25.21 -10.97
C GLY A 176 5.10 26.65 -11.22
N ARG A 177 6.41 26.86 -11.23
CA ARG A 177 6.95 28.15 -11.63
C ARG A 177 6.61 28.41 -13.10
N GLY A 178 6.20 29.64 -13.39
CA GLY A 178 5.78 30.00 -14.73
C GLY A 178 4.54 29.26 -15.20
N LEU A 179 3.85 28.60 -14.28
CA LEU A 179 2.57 27.93 -14.53
C LEU A 179 2.70 26.79 -15.53
N VAL A 180 3.90 26.24 -15.69
CA VAL A 180 4.18 25.19 -16.67
CA VAL A 180 4.14 25.20 -16.70
C VAL A 180 3.32 23.95 -16.44
N ARG A 181 2.84 23.74 -15.20
CA ARG A 181 2.04 22.56 -14.88
C ARG A 181 0.58 22.89 -14.58
N LEU A 182 0.11 24.08 -14.98
CA LEU A 182 -1.23 24.51 -14.57
C LEU A 182 -2.31 23.64 -15.19
N GLU A 183 -2.18 23.28 -16.47
CA GLU A 183 -3.21 22.50 -17.13
C GLU A 183 -3.32 21.09 -16.55
N TYR A 184 -2.19 20.50 -16.15
CA TYR A 184 -2.25 19.23 -15.44
C TYR A 184 -3.00 19.40 -14.12
N ARG A 185 -2.73 20.49 -13.42
CA ARG A 185 -3.41 20.75 -12.15
C ARG A 185 -4.92 20.88 -12.35
N GLN A 186 -5.34 21.59 -13.40
CA GLN A 186 -6.77 21.71 -13.67
C GLN A 186 -7.39 20.35 -13.98
N ARG A 187 -6.70 19.54 -14.78
CA ARG A 187 -7.19 18.19 -15.06
C ARG A 187 -7.19 17.33 -13.81
N TRP A 188 -6.16 17.46 -12.97
CA TRP A 188 -6.14 16.74 -11.71
C TRP A 188 -7.30 17.16 -10.81
N ASP A 189 -7.52 18.47 -10.69
CA ASP A 189 -8.62 18.98 -9.86
C ASP A 189 -9.94 18.30 -10.21
N GLU A 190 -10.23 18.19 -11.50
CA GLU A 190 -11.51 17.60 -11.93
C GLU A 190 -11.58 16.12 -11.61
N ALA A 191 -10.46 15.39 -11.77
CA ALA A 191 -10.45 13.98 -11.42
C ALA A 191 -10.59 13.79 -9.91
N PHE A 192 -9.99 14.68 -9.12
CA PHE A 192 -10.08 14.61 -7.67
C PHE A 192 -11.51 14.83 -7.19
N ARG A 193 -12.15 15.90 -7.69
CA ARG A 193 -13.56 16.16 -7.41
C ARG A 193 -14.42 14.94 -7.69
N LYS A 194 -14.31 14.40 -8.90
CA LYS A 194 -15.09 13.22 -9.27
C LYS A 194 -14.83 12.07 -8.31
N PHE A 195 -13.56 11.84 -7.96
CA PHE A 195 -13.23 10.77 -7.03
C PHE A 195 -13.90 11.00 -5.68
N LEU A 196 -13.75 12.21 -5.13
CA LEU A 196 -14.31 12.51 -3.83
C LEU A 196 -15.82 12.30 -3.82
N LYS A 197 -16.53 12.86 -4.79
CA LYS A 197 -17.98 12.69 -4.78
C LYS A 197 -18.35 11.23 -5.00
N GLY A 198 -17.66 10.56 -5.92
CA GLY A 198 -17.91 9.15 -6.15
C GLY A 198 -17.50 8.19 -5.04
N LEU A 199 -17.25 8.71 -3.83
CA LEU A 199 -16.88 7.83 -2.72
C LEU A 199 -18.08 7.00 -2.29
N ALA A 200 -17.90 5.68 -2.21
CA ALA A 200 -19.02 4.77 -2.05
C ALA A 200 -19.73 4.95 -0.72
N SER A 201 -18.99 5.28 0.33
CA SER A 201 -19.57 5.37 1.66
C SER A 201 -20.52 6.57 1.78
N ARG A 202 -21.56 6.41 2.59
CA ARG A 202 -22.42 7.52 2.96
C ARG A 202 -21.93 8.24 4.21
N LYS A 203 -20.71 7.94 4.65
CA LYS A 203 -20.13 8.63 5.79
C LYS A 203 -19.66 10.02 5.38
N PRO A 204 -19.74 10.99 6.28
CA PRO A 204 -19.24 12.34 5.97
C PRO A 204 -17.74 12.31 5.76
N LEU A 205 -17.25 13.35 5.12
CA LEU A 205 -15.89 13.40 4.64
C LEU A 205 -15.11 14.48 5.39
N VAL A 206 -13.88 14.15 5.76
CA VAL A 206 -12.89 15.12 6.18
C VAL A 206 -11.77 15.07 5.14
N LEU A 207 -11.57 16.17 4.43
CA LEU A 207 -10.46 16.31 3.48
C LEU A 207 -9.47 17.29 4.06
N CYS A 208 -8.21 16.86 4.18
CA CYS A 208 -7.20 17.71 4.80
C CYS A 208 -5.90 17.64 4.04
N GLY A 209 -5.09 18.69 4.19
CA GLY A 209 -3.75 18.65 3.65
C GLY A 209 -3.41 19.92 2.89
N ASP A 210 -2.40 19.79 2.03
CA ASP A 210 -1.87 20.90 1.24
C ASP A 210 -2.60 20.91 -0.10
N LEU A 211 -3.60 21.78 -0.23
CA LEU A 211 -4.38 21.85 -1.46
C LEU A 211 -3.80 22.86 -2.45
N ASN A 212 -2.71 23.53 -2.10
CA ASN A 212 -1.91 24.34 -3.03
C ASN A 212 -2.76 25.39 -3.76
N VAL A 213 -3.67 26.03 -3.03
CA VAL A 213 -4.41 27.17 -3.57
C VAL A 213 -4.84 28.05 -2.40
N ALA A 214 -4.58 29.35 -2.51
CA ALA A 214 -5.18 30.35 -1.65
C ALA A 214 -6.53 30.73 -2.26
N HIS A 215 -7.61 30.29 -1.61
CA HIS A 215 -8.93 30.37 -2.24
C HIS A 215 -9.31 31.80 -2.60
N GLU A 216 -9.27 32.71 -1.63
CA GLU A 216 -9.68 34.08 -1.84
C GLU A 216 -8.54 35.02 -1.48
N GLU A 217 -8.75 36.31 -1.78
CA GLU A 217 -7.69 37.31 -1.56
C GLU A 217 -7.27 37.36 -0.09
N ILE A 218 -8.22 37.15 0.83
CA ILE A 218 -7.90 37.20 2.24
C ILE A 218 -6.93 36.09 2.64
N ASP A 219 -6.78 35.06 1.82
CA ASP A 219 -5.96 33.89 2.13
C ASP A 219 -4.49 34.04 1.77
N LEU A 220 -4.05 35.20 1.29
CA LEU A 220 -2.61 35.40 1.09
C LEU A 220 -2.30 36.88 1.30
N ARG A 221 -1.03 37.16 1.61
CA ARG A 221 -0.61 38.52 1.90
C ARG A 221 -0.65 39.40 0.66
N ASN A 222 -0.14 38.91 -0.48
CA ASN A 222 -0.03 39.72 -1.69
C ASN A 222 -0.95 39.24 -2.81
N PRO A 223 -2.27 39.36 -2.68
CA PRO A 223 -3.14 38.88 -3.77
C PRO A 223 -2.86 39.54 -5.11
N LYS A 224 -2.57 40.85 -5.12
CA LYS A 224 -2.46 41.58 -6.38
C LYS A 224 -1.28 41.09 -7.21
N GLY A 225 -0.09 41.03 -6.61
CA GLY A 225 1.09 40.62 -7.36
C GLY A 225 1.19 39.13 -7.63
N ASN A 226 0.20 38.34 -7.22
CA ASN A 226 0.27 36.88 -7.28
C ASN A 226 -0.82 36.24 -8.12
N LYS A 227 -1.67 37.01 -8.80
CA LYS A 227 -2.75 36.38 -9.55
C LYS A 227 -2.28 35.64 -10.79
N LYS A 228 -1.00 35.75 -11.16
CA LYS A 228 -0.42 34.91 -12.20
C LYS A 228 0.57 33.89 -11.65
N ASN A 229 0.70 33.78 -10.33
CA ASN A 229 1.59 32.83 -9.70
C ASN A 229 0.83 31.56 -9.33
N ALA A 230 1.56 30.45 -9.27
CA ALA A 230 1.01 29.21 -8.76
C ALA A 230 0.39 29.42 -7.39
N GLY A 231 -0.76 28.80 -7.16
CA GLY A 231 -1.47 28.93 -5.91
C GLY A 231 -2.51 30.03 -5.86
N PHE A 232 -2.53 30.95 -6.85
CA PHE A 232 -3.54 31.99 -6.85
C PHE A 232 -3.99 32.37 -8.25
N THR A 233 -3.97 31.40 -9.19
CA THR A 233 -4.55 31.69 -10.49
C THR A 233 -6.07 31.62 -10.40
N PRO A 234 -6.78 32.33 -11.28
CA PRO A 234 -8.24 32.15 -11.34
C PRO A 234 -8.62 30.71 -11.58
N GLN A 235 -7.76 29.95 -12.27
CA GLN A 235 -8.06 28.55 -12.55
C GLN A 235 -8.00 27.70 -11.28
N GLU A 236 -7.00 27.92 -10.44
CA GLU A 236 -6.91 27.17 -9.19
C GLU A 236 -8.00 27.59 -8.21
N ARG A 237 -8.18 28.90 -8.04
CA ARG A 237 -9.25 29.39 -7.15
C ARG A 237 -10.60 28.83 -7.56
N GLN A 238 -10.89 28.85 -8.87
CA GLN A 238 -12.16 28.30 -9.36
C GLN A 238 -12.29 26.81 -9.04
N GLY A 239 -11.20 26.05 -9.23
CA GLY A 239 -11.24 24.64 -8.89
C GLY A 239 -11.57 24.40 -7.42
N PHE A 240 -11.04 25.24 -6.53
CA PHE A 240 -11.35 25.13 -5.11
C PHE A 240 -12.83 25.40 -4.87
N GLY A 241 -13.36 26.47 -5.46
CA GLY A 241 -14.78 26.74 -5.35
C GLY A 241 -15.63 25.59 -5.87
N GLU A 242 -15.19 24.97 -6.97
CA GLU A 242 -15.94 23.83 -7.50
C GLU A 242 -15.90 22.64 -6.56
N LEU A 243 -14.76 22.41 -5.89
CA LEU A 243 -14.68 21.32 -4.93
C LEU A 243 -15.69 21.52 -3.80
N LEU A 244 -15.72 22.72 -3.21
CA LEU A 244 -16.70 23.02 -2.18
C LEU A 244 -18.13 22.83 -2.68
N GLN A 245 -18.43 23.30 -3.90
CA GLN A 245 -19.79 23.20 -4.39
C GLN A 245 -20.12 21.77 -4.83
N ALA A 246 -19.16 21.09 -5.48
CA ALA A 246 -19.48 19.80 -6.08
C ALA A 246 -19.71 18.74 -5.02
N VAL A 247 -18.86 18.67 -4.00
CA VAL A 247 -18.82 17.46 -3.16
C VAL A 247 -20.04 17.21 -2.25
N PRO A 248 -20.50 18.21 -1.47
CA PRO A 248 -20.04 19.57 -1.13
C PRO A 248 -19.18 19.59 0.13
N LEU A 249 -18.45 20.69 0.36
CA LEU A 249 -17.57 20.78 1.52
C LEU A 249 -17.51 22.23 1.99
N ALA A 250 -17.18 22.41 3.26
CA ALA A 250 -16.99 23.72 3.85
C ALA A 250 -15.55 23.87 4.32
N ASP A 251 -15.03 25.09 4.18
CA ASP A 251 -13.69 25.45 4.63
C ASP A 251 -13.77 25.65 6.14
N SER A 252 -13.36 24.64 6.91
CA SER A 252 -13.53 24.67 8.37
C SER A 252 -13.01 25.98 8.97
N PHE A 253 -11.78 26.38 8.62
CA PHE A 253 -11.24 27.59 9.23
C PHE A 253 -12.05 28.82 8.86
N ARG A 254 -12.55 28.88 7.62
CA ARG A 254 -13.27 30.08 7.18
C ARG A 254 -14.69 30.13 7.70
N HIS A 255 -15.33 28.97 7.84
CA HIS A 255 -16.65 28.92 8.43
C HIS A 255 -16.63 29.49 9.85
N LEU A 256 -15.51 29.34 10.55
CA LEU A 256 -15.35 29.82 11.92
C LEU A 256 -14.79 31.24 11.99
N TYR A 257 -13.94 31.63 11.06
CA TYR A 257 -13.29 32.94 11.07
C TYR A 257 -13.43 33.57 9.69
N PRO A 258 -14.66 33.90 9.29
CA PRO A 258 -14.90 34.32 7.91
C PRO A 258 -14.25 35.65 7.54
N ASN A 259 -13.84 36.46 8.50
CA ASN A 259 -13.29 37.78 8.20
C ASN A 259 -11.91 38.00 8.81
N THR A 260 -11.19 36.93 9.13
CA THR A 260 -9.91 37.08 9.80
C THR A 260 -8.80 37.10 8.76
N PRO A 261 -8.13 38.23 8.54
CA PRO A 261 -7.03 38.28 7.59
C PRO A 261 -5.71 37.85 8.23
N TYR A 262 -4.70 37.71 7.38
CA TYR A 262 -3.31 37.44 7.75
C TYR A 262 -3.09 36.06 8.37
N ALA A 263 -4.07 35.16 8.28
CA ALA A 263 -3.92 33.79 8.76
C ALA A 263 -3.40 32.91 7.62
N TYR A 264 -2.13 32.52 7.71
CA TYR A 264 -1.46 31.78 6.64
C TYR A 264 -0.83 30.51 7.18
N THR A 265 -0.57 29.56 6.27
CA THR A 265 0.07 28.30 6.62
C THR A 265 1.35 28.04 5.85
N PHE A 266 1.75 28.94 4.95
CA PHE A 266 3.00 28.80 4.22
C PHE A 266 3.65 30.16 4.06
N TRP A 267 4.97 30.18 4.14
CA TRP A 267 5.77 31.37 3.89
C TRP A 267 6.99 30.92 3.11
N THR A 268 7.29 31.60 2.00
CA THR A 268 8.49 31.22 1.26
C THR A 268 9.71 31.38 2.17
N TYR A 269 10.64 30.42 2.05
CA TYR A 269 11.90 30.51 2.76
C TYR A 269 12.66 31.79 2.40
N MET A 270 12.48 32.28 1.17
CA MET A 270 13.23 33.42 0.67
C MET A 270 12.80 34.72 1.34
N MET A 271 13.74 35.64 1.44
CA MET A 271 13.48 37.04 1.80
C MET A 271 12.86 37.18 3.19
N ASN A 272 13.07 36.21 4.06
CA ASN A 272 12.59 36.26 5.45
C ASN A 272 11.09 36.54 5.51
N ALA A 273 10.34 35.90 4.60
CA ALA A 273 8.91 36.14 4.51
C ALA A 273 8.18 35.76 5.79
N ARG A 274 8.63 34.71 6.48
CA ARG A 274 7.92 34.26 7.67
C ARG A 274 8.06 35.26 8.81
N SER A 275 9.22 35.93 8.91
CA SER A 275 9.38 36.98 9.90
C SER A 275 8.34 38.08 9.74
N LYS A 276 8.02 38.42 8.49
CA LYS A 276 7.08 39.49 8.19
C LYS A 276 5.65 38.99 8.04
N ASN A 277 5.42 37.69 8.24
CA ASN A 277 4.14 37.04 8.00
C ASN A 277 3.58 37.38 6.62
N VAL A 278 4.46 37.38 5.61
CA VAL A 278 4.03 37.45 4.22
C VAL A 278 3.84 36.01 3.77
N GLY A 279 2.60 35.56 3.79
CA GLY A 279 2.35 34.16 3.55
C GLY A 279 1.05 33.86 2.81
N TRP A 280 0.73 32.57 2.73
CA TRP A 280 -0.43 32.07 2.01
C TRP A 280 -1.12 31.04 2.89
N ARG A 281 -2.42 30.89 2.70
CA ARG A 281 -3.16 29.81 3.36
C ARG A 281 -3.39 28.71 2.32
N LEU A 282 -2.55 27.67 2.37
CA LEU A 282 -2.58 26.58 1.41
C LEU A 282 -3.05 25.26 2.00
N ASP A 283 -3.13 25.14 3.32
CA ASP A 283 -3.45 23.90 4.00
C ASP A 283 -4.81 24.02 4.69
N TYR A 284 -5.67 23.02 4.51
CA TYR A 284 -7.07 23.14 4.89
C TYR A 284 -7.58 21.88 5.58
N PHE A 285 -8.65 22.07 6.35
CA PHE A 285 -9.58 21.00 6.69
C PHE A 285 -10.91 21.35 6.03
N LEU A 286 -11.38 20.49 5.14
CA LEU A 286 -12.65 20.67 4.46
C LEU A 286 -13.63 19.60 4.95
N LEU A 287 -14.83 20.03 5.33
CA LEU A 287 -15.78 19.19 6.05
C LEU A 287 -17.09 19.05 5.29
N SER A 288 -17.61 17.83 5.25
CA SER A 288 -19.01 17.64 4.88
C SER A 288 -19.90 18.54 5.73
N HIS A 289 -21.02 18.97 5.13
CA HIS A 289 -21.92 19.88 5.81
C HIS A 289 -22.43 19.28 7.12
N SER A 290 -22.69 17.98 7.12
CA SER A 290 -23.23 17.32 8.32
C SER A 290 -22.22 17.27 9.47
N LEU A 291 -20.94 17.50 9.20
CA LEU A 291 -19.94 17.54 10.26
C LEU A 291 -19.81 18.91 10.89
N LEU A 292 -20.41 19.94 10.30
CA LEU A 292 -20.31 21.30 10.86
C LEU A 292 -20.83 21.43 12.29
N PRO A 293 -21.91 20.76 12.71
CA PRO A 293 -22.28 20.84 14.13
C PRO A 293 -21.21 20.25 15.04
N ALA A 294 -20.47 19.23 14.57
CA ALA A 294 -19.40 18.62 15.32
C ALA A 294 -18.11 19.43 15.32
N LEU A 295 -18.06 20.54 14.58
CA LEU A 295 -16.84 21.30 14.44
C LEU A 295 -16.63 22.16 15.69
N CYS A 296 -15.50 21.95 16.36
CA CYS A 296 -15.15 22.75 17.54
C CYS A 296 -14.20 23.88 17.19
N ASP A 297 -13.09 23.59 16.52
CA ASP A 297 -12.20 24.64 16.06
C ASP A 297 -11.28 24.09 14.97
N SER A 298 -10.64 25.01 14.28
CA SER A 298 -9.69 24.72 13.21
C SER A 298 -8.52 25.66 13.42
N LYS A 299 -7.34 25.10 13.68
CA LYS A 299 -6.22 25.88 14.18
C LYS A 299 -5.10 26.01 13.15
N ILE A 300 -4.37 27.12 13.23
CA ILE A 300 -3.18 27.36 12.43
C ILE A 300 -2.03 27.52 13.42
N ARG A 301 -1.13 26.55 13.45
CA ARG A 301 -0.09 26.49 14.47
C ARG A 301 1.16 27.25 13.99
N SER A 302 1.04 28.59 14.05
CA SER A 302 1.98 29.47 13.36
C SER A 302 3.40 29.36 13.90
N LYS A 303 3.55 28.93 15.16
CA LYS A 303 4.86 28.98 15.80
C LYS A 303 5.66 27.69 15.67
N ALA A 304 5.04 26.60 15.21
CA ALA A 304 5.79 25.36 15.04
C ALA A 304 6.66 25.44 13.80
N LEU A 305 7.98 25.36 14.01
CA LEU A 305 8.93 25.44 12.92
C LEU A 305 9.26 24.04 12.41
N GLY A 306 10.14 23.97 11.42
CA GLY A 306 10.58 22.69 10.85
C GLY A 306 10.32 22.54 9.36
N SER A 307 9.51 23.40 8.76
CA SER A 307 9.18 23.35 7.34
C SER A 307 8.94 24.78 6.87
N ASP A 308 8.59 24.95 5.60
CA ASP A 308 8.04 26.25 5.19
C ASP A 308 6.54 26.31 5.35
N HIS A 309 5.91 25.20 5.74
CA HIS A 309 4.51 25.15 6.16
C HIS A 309 4.45 24.97 7.67
N CYS A 310 3.36 25.42 8.28
CA CYS A 310 3.11 25.16 9.68
C CYS A 310 2.00 24.12 9.82
N PRO A 311 1.89 23.46 10.97
CA PRO A 311 0.82 22.49 11.16
C PRO A 311 -0.54 23.18 11.23
N ILE A 312 -1.57 22.42 10.94
CA ILE A 312 -2.95 22.85 11.18
C ILE A 312 -3.65 21.74 11.94
N THR A 313 -4.63 22.11 12.75
CA THR A 313 -5.22 21.15 13.67
C THR A 313 -6.72 21.33 13.73
N LEU A 314 -7.43 20.21 13.61
CA LEU A 314 -8.88 20.17 13.64
C LEU A 314 -9.32 19.49 14.93
N TYR A 315 -10.30 20.09 15.61
CA TYR A 315 -10.96 19.48 16.76
C TYR A 315 -12.40 19.15 16.37
N LEU A 316 -12.77 17.88 16.45
CA LEU A 316 -14.13 17.44 16.15
C LEU A 316 -14.74 16.79 17.38
N ALA A 317 -16.04 17.06 17.60
CA ALA A 317 -16.80 16.43 18.67
C ALA A 317 -17.65 15.32 18.06
N LEU A 318 -17.14 14.09 18.11
CA LEU A 318 -17.88 12.95 17.56
C LEU A 318 -18.35 12.02 18.68
N ALA B 43 1.44 -41.56 4.41
CA ALA B 43 0.20 -40.89 4.05
C ALA B 43 0.17 -39.45 4.55
N LEU B 44 -0.42 -39.25 5.73
CA LEU B 44 -0.72 -37.90 6.18
C LEU B 44 0.55 -37.16 6.61
N TYR B 45 0.42 -35.84 6.72
CA TYR B 45 1.56 -34.95 6.91
C TYR B 45 1.25 -33.85 7.90
N GLU B 46 2.16 -33.63 8.84
CA GLU B 46 2.09 -32.49 9.74
C GLU B 46 3.38 -31.70 9.64
N ASP B 47 3.23 -30.39 9.42
CA ASP B 47 4.34 -29.49 9.16
C ASP B 47 5.05 -29.14 10.46
N PRO B 48 6.38 -29.16 10.49
CA PRO B 48 7.12 -28.86 11.72
C PRO B 48 6.86 -27.44 12.18
N PRO B 49 7.10 -27.14 13.46
CA PRO B 49 6.85 -25.77 13.94
C PRO B 49 7.77 -24.76 13.27
N ASP B 50 7.33 -23.51 13.30
CA ASP B 50 8.02 -22.42 12.61
C ASP B 50 9.38 -22.14 13.27
N GLN B 51 10.45 -22.33 12.53
CA GLN B 51 11.75 -21.80 12.95
C GLN B 51 11.85 -20.36 12.48
N LYS B 52 11.85 -19.43 13.43
CA LYS B 52 11.89 -18.00 13.11
C LYS B 52 13.29 -17.42 13.32
N THR B 53 14.29 -18.27 13.46
CA THR B 53 15.69 -17.87 13.63
C THR B 53 16.52 -18.48 12.51
N SER B 54 17.41 -17.69 11.94
CA SER B 54 18.27 -18.16 10.86
C SER B 54 19.42 -18.98 11.44
N PRO B 55 20.10 -19.78 10.61
CA PRO B 55 21.19 -20.62 11.16
C PRO B 55 22.24 -19.83 11.92
N SER B 56 22.50 -18.58 11.51
CA SER B 56 23.42 -17.70 12.22
C SER B 56 22.80 -17.05 13.46
N GLY B 57 21.61 -17.47 13.86
CA GLY B 57 20.99 -16.91 15.05
C GLY B 57 20.22 -15.62 14.88
N LYS B 58 20.03 -15.12 13.68
CA LYS B 58 19.32 -13.85 13.46
C LYS B 58 17.79 -14.13 13.45
N PRO B 59 16.95 -13.43 14.20
CA PRO B 59 15.48 -13.54 14.02
C PRO B 59 14.93 -12.98 12.73
N ALA B 60 13.87 -13.66 12.28
CA ALA B 60 13.17 -13.30 11.06
C ALA B 60 12.60 -11.89 11.12
N THR B 61 12.76 -11.15 10.03
CA THR B 61 12.16 -9.83 9.88
C THR B 61 11.12 -9.78 8.77
N LEU B 62 11.04 -10.81 7.94
CA LEU B 62 10.17 -10.79 6.77
C LEU B 62 9.39 -12.09 6.69
N LYS B 63 8.07 -11.96 6.61
CA LYS B 63 7.15 -13.09 6.51
C LYS B 63 6.35 -12.92 5.22
N ILE B 64 6.55 -13.85 4.28
CA ILE B 64 5.86 -13.83 3.00
C ILE B 64 4.95 -15.05 2.92
N CYS B 65 3.72 -14.84 2.44
CA CYS B 65 2.74 -15.89 2.28
C CYS B 65 2.27 -15.92 0.83
N SER B 66 2.23 -17.12 0.24
CA SER B 66 1.74 -17.32 -1.12
C SER B 66 0.59 -18.32 -1.10
N TRP B 67 -0.41 -18.09 -1.94
CA TRP B 67 -1.64 -18.89 -1.88
C TRP B 67 -2.32 -18.87 -3.24
N ASN B 68 -2.46 -20.03 -3.88
CA ASN B 68 -3.36 -20.14 -5.01
C ASN B 68 -4.78 -20.23 -4.46
N VAL B 69 -5.53 -19.14 -4.57
CA VAL B 69 -6.87 -19.08 -3.98
C VAL B 69 -7.93 -19.66 -4.88
N ASP B 70 -7.62 -19.90 -6.16
CA ASP B 70 -8.50 -20.58 -7.10
C ASP B 70 -9.94 -20.05 -7.01
N GLY B 71 -10.10 -18.82 -7.52
CA GLY B 71 -11.35 -18.10 -7.34
C GLY B 71 -11.26 -17.21 -6.12
N LEU B 72 -10.85 -15.95 -6.35
CA LEU B 72 -10.63 -15.03 -5.24
C LEU B 72 -11.92 -14.71 -4.50
N ARG B 73 -13.02 -14.58 -5.24
CA ARG B 73 -14.28 -14.19 -4.59
C ARG B 73 -14.83 -15.32 -3.74
N ALA B 74 -14.79 -16.56 -4.24
CA ALA B 74 -15.20 -17.71 -3.43
C ALA B 74 -14.26 -17.93 -2.25
N TRP B 75 -12.96 -17.77 -2.46
CA TRP B 75 -11.99 -17.86 -1.37
C TRP B 75 -12.32 -16.87 -0.26
N ILE B 76 -12.71 -15.64 -0.62
CA ILE B 76 -13.09 -14.67 0.40
C ILE B 76 -14.34 -15.13 1.15
N LYS B 77 -15.32 -15.68 0.43
CA LYS B 77 -16.53 -16.16 1.11
C LYS B 77 -16.24 -17.36 1.99
N LYS B 78 -15.19 -18.12 1.70
CA LYS B 78 -14.77 -19.21 2.56
C LYS B 78 -13.79 -18.75 3.64
N LYS B 79 -13.70 -17.43 3.85
CA LYS B 79 -13.06 -16.78 4.99
C LYS B 79 -11.54 -16.77 4.87
N GLY B 80 -11.04 -16.71 3.63
CA GLY B 80 -9.60 -16.66 3.42
C GLY B 80 -8.96 -15.45 4.07
N LEU B 81 -9.61 -14.29 3.96
CA LEU B 81 -9.05 -13.09 4.59
C LEU B 81 -8.90 -13.27 6.09
N ASP B 82 -9.84 -13.95 6.73
CA ASP B 82 -9.72 -14.21 8.16
C ASP B 82 -8.44 -14.98 8.47
N TRP B 83 -8.10 -15.96 7.62
CA TRP B 83 -6.87 -16.71 7.87
C TRP B 83 -5.64 -15.84 7.63
N VAL B 84 -5.64 -15.06 6.55
CA VAL B 84 -4.54 -14.13 6.28
C VAL B 84 -4.34 -13.20 7.48
N LYS B 85 -5.43 -12.67 8.02
CA LYS B 85 -5.33 -11.76 9.15
C LYS B 85 -4.64 -12.42 10.35
N GLU B 86 -4.95 -13.68 10.61
CA GLU B 86 -4.26 -14.39 11.68
C GLU B 86 -2.81 -14.68 11.31
N GLU B 87 -2.56 -15.17 10.10
CA GLU B 87 -1.19 -15.41 9.65
C GLU B 87 -0.36 -14.12 9.71
N ALA B 88 -0.99 -12.98 9.48
CA ALA B 88 -0.34 -11.66 9.54
C ALA B 88 1.00 -11.59 8.78
N PRO B 89 1.00 -11.90 7.49
CA PRO B 89 2.24 -11.79 6.72
C PRO B 89 2.54 -10.34 6.36
N ASP B 90 3.82 -10.07 6.10
CA ASP B 90 4.20 -8.76 5.60
C ASP B 90 3.85 -8.60 4.13
N ILE B 91 3.91 -9.70 3.37
CA ILE B 91 3.57 -9.71 1.95
C ILE B 91 2.71 -10.94 1.69
N LEU B 92 1.69 -10.77 0.85
CA LEU B 92 0.79 -11.86 0.49
C LEU B 92 0.66 -11.92 -1.02
N CYS B 93 1.02 -13.08 -1.59
CA CYS B 93 0.90 -13.32 -3.02
C CYS B 93 -0.24 -14.29 -3.28
N LEU B 94 -1.05 -14.00 -4.29
CA LEU B 94 -2.23 -14.78 -4.62
C LEU B 94 -2.22 -15.13 -6.09
N GLN B 95 -2.59 -16.36 -6.42
CA GLN B 95 -2.65 -16.80 -7.81
C GLN B 95 -4.03 -17.33 -8.13
N GLU B 96 -4.36 -17.32 -9.43
CA GLU B 96 -5.63 -17.80 -9.95
C GLU B 96 -6.80 -17.07 -9.28
N THR B 97 -6.72 -15.74 -9.28
CA THR B 97 -7.77 -14.94 -8.65
C THR B 97 -9.09 -15.05 -9.39
N LYS B 98 -9.06 -15.21 -10.72
CA LYS B 98 -10.25 -15.26 -11.57
C LYS B 98 -11.21 -14.11 -11.25
N CYS B 99 -10.69 -12.90 -11.33
CA CYS B 99 -11.46 -11.72 -10.94
C CYS B 99 -10.77 -10.49 -11.51
N SER B 100 -11.47 -9.76 -12.36
CA SER B 100 -10.94 -8.53 -12.91
C SER B 100 -10.79 -7.47 -11.83
N GLU B 101 -9.97 -6.45 -12.12
CA GLU B 101 -9.71 -5.41 -11.13
C GLU B 101 -10.99 -4.72 -10.67
N ASN B 102 -11.97 -4.55 -11.55
CA ASN B 102 -13.16 -3.80 -11.15
C ASN B 102 -14.20 -4.67 -10.43
N LYS B 103 -13.92 -5.94 -10.20
CA LYS B 103 -14.77 -6.78 -9.37
C LYS B 103 -14.09 -7.19 -8.07
N LEU B 104 -12.97 -6.56 -7.73
CA LEU B 104 -12.25 -6.86 -6.51
C LEU B 104 -13.06 -6.43 -5.29
N PRO B 105 -13.52 -7.34 -4.44
CA PRO B 105 -14.36 -6.94 -3.30
C PRO B 105 -13.64 -5.95 -2.40
N ALA B 106 -14.40 -5.00 -1.87
CA ALA B 106 -13.82 -3.95 -1.03
C ALA B 106 -13.24 -4.51 0.25
N GLU B 107 -13.64 -5.72 0.67
CA GLU B 107 -13.11 -6.31 1.90
C GLU B 107 -11.59 -6.39 1.88
N LEU B 108 -10.97 -6.34 0.71
CA LEU B 108 -9.51 -6.46 0.62
C LEU B 108 -8.79 -5.25 1.21
N GLN B 109 -9.38 -4.06 1.13
CA GLN B 109 -8.70 -2.94 1.78
C GLN B 109 -8.92 -2.91 3.29
N GLU B 110 -9.60 -3.91 3.85
CA GLU B 110 -9.71 -4.10 5.29
C GLU B 110 -8.55 -4.90 5.87
N LEU B 111 -7.50 -5.16 5.08
CA LEU B 111 -6.43 -5.97 5.63
C LEU B 111 -5.43 -5.08 6.37
N PRO B 112 -5.12 -5.40 7.64
CA PRO B 112 -4.37 -4.47 8.49
C PRO B 112 -3.00 -4.02 7.98
N GLY B 113 -2.09 -4.97 7.82
CA GLY B 113 -0.78 -4.63 7.31
C GLY B 113 -0.60 -5.13 5.90
N LEU B 114 -1.56 -4.87 5.02
CA LEU B 114 -1.47 -5.26 3.62
C LEU B 114 -2.20 -4.24 2.75
N SER B 115 -1.94 -2.94 2.98
CA SER B 115 -2.70 -1.88 2.33
C SER B 115 -2.27 -1.62 0.89
N HIS B 116 -1.01 -1.88 0.55
CA HIS B 116 -0.55 -1.70 -0.82
C HIS B 116 -0.84 -2.96 -1.61
N GLN B 117 -1.63 -2.83 -2.68
CA GLN B 117 -2.22 -3.97 -3.34
C GLN B 117 -2.11 -3.80 -4.86
N TYR B 118 -1.63 -4.84 -5.53
CA TYR B 118 -1.37 -4.81 -6.96
C TYR B 118 -1.96 -6.05 -7.60
N TRP B 119 -2.56 -5.88 -8.77
CA TRP B 119 -3.32 -6.95 -9.40
C TRP B 119 -3.02 -6.99 -10.89
N SER B 120 -3.11 -8.19 -11.45
CA SER B 120 -2.81 -8.42 -12.86
C SER B 120 -3.79 -9.45 -13.40
N ALA B 121 -4.67 -9.03 -14.30
CA ALA B 121 -5.67 -9.86 -14.93
C ALA B 121 -5.38 -10.03 -16.43
N PRO B 122 -5.90 -11.08 -17.05
CA PRO B 122 -5.47 -11.38 -18.43
C PRO B 122 -6.03 -10.45 -19.50
N SER B 123 -7.27 -9.98 -19.36
CA SER B 123 -8.01 -9.24 -20.40
C SER B 123 -8.49 -10.16 -21.52
N ASP B 124 -7.86 -11.33 -21.64
CA ASP B 124 -8.24 -12.36 -22.60
C ASP B 124 -9.75 -12.52 -22.77
N GLY B 127 -9.21 -16.16 -19.34
CA GLY B 127 -9.90 -15.75 -18.11
C GLY B 127 -9.78 -16.78 -16.99
N TYR B 128 -8.81 -17.70 -17.09
CA TYR B 128 -8.56 -18.70 -16.06
C TYR B 128 -7.29 -18.41 -15.28
N SER B 129 -7.08 -17.14 -14.95
CA SER B 129 -5.77 -16.67 -14.51
C SER B 129 -5.98 -15.56 -13.49
N GLY B 130 -4.99 -14.67 -13.39
CA GLY B 130 -5.03 -13.55 -12.46
C GLY B 130 -4.19 -13.78 -11.23
N VAL B 131 -3.40 -12.78 -10.84
CA VAL B 131 -2.54 -12.85 -9.66
C VAL B 131 -2.56 -11.52 -8.93
N GLY B 132 -2.14 -11.55 -7.68
CA GLY B 132 -2.15 -10.36 -6.85
C GLY B 132 -0.98 -10.36 -5.88
N LEU B 133 -0.55 -9.16 -5.51
CA LEU B 133 0.52 -8.97 -4.54
C LEU B 133 0.12 -7.87 -3.58
N LEU B 134 -0.08 -8.23 -2.31
CA LEU B 134 -0.45 -7.30 -1.26
C LEU B 134 0.70 -7.18 -0.28
N SER B 135 1.02 -5.95 0.11
CA SER B 135 2.24 -5.68 0.86
C SER B 135 1.97 -4.62 1.91
N ARG B 136 2.55 -4.82 3.10
CA ARG B 136 2.47 -3.78 4.13
C ARG B 136 3.22 -2.52 3.71
N GLN B 137 4.40 -2.70 3.12
CA GLN B 137 5.20 -1.58 2.62
C GLN B 137 5.06 -1.48 1.10
N ALA B 138 5.01 -0.25 0.60
CA ALA B 138 5.06 -0.06 -0.84
C ALA B 138 6.39 -0.55 -1.40
N PRO B 139 6.38 -1.43 -2.39
CA PRO B 139 7.63 -1.76 -3.07
C PRO B 139 8.13 -0.58 -3.87
N LEU B 140 9.45 -0.54 -4.08
CA LEU B 140 10.05 0.59 -4.79
C LEU B 140 9.64 0.63 -6.25
N LYS B 141 9.36 -0.53 -6.85
CA LYS B 141 8.86 -0.55 -8.22
C LYS B 141 8.06 -1.84 -8.45
N VAL B 142 6.93 -1.70 -9.12
CA VAL B 142 6.04 -2.82 -9.43
C VAL B 142 5.88 -2.89 -10.94
N SER B 143 6.08 -4.09 -11.49
CA SER B 143 5.91 -4.33 -12.92
C SER B 143 5.13 -5.62 -13.11
N TYR B 144 4.50 -5.75 -14.28
CA TYR B 144 3.65 -6.88 -14.60
C TYR B 144 4.15 -7.56 -15.86
N GLY B 145 4.06 -8.88 -15.88
CA GLY B 145 4.42 -9.63 -17.07
C GLY B 145 5.89 -10.00 -17.13
N ILE B 146 6.25 -10.53 -18.27
CA ILE B 146 7.57 -11.00 -18.53
C ILE B 146 8.12 -10.41 -19.83
N GLY B 147 7.50 -9.35 -20.31
CA GLY B 147 7.94 -8.64 -21.51
C GLY B 147 7.60 -9.15 -22.89
N ASP B 148 6.33 -9.09 -23.27
CA ASP B 148 5.74 -9.48 -24.57
C ASP B 148 4.48 -10.33 -24.48
N GLU B 154 -0.93 -11.95 -20.03
CA GLU B 154 -1.70 -13.13 -19.65
C GLU B 154 -2.18 -13.10 -18.20
N GLY B 155 -1.71 -12.13 -17.43
CA GLY B 155 -2.12 -11.99 -16.04
C GLY B 155 -1.53 -13.03 -15.10
N ARG B 156 -0.26 -13.37 -15.27
CA ARG B 156 0.35 -14.47 -14.52
C ARG B 156 1.48 -14.06 -13.60
N VAL B 157 2.06 -12.87 -13.76
CA VAL B 157 3.29 -12.51 -13.07
C VAL B 157 3.24 -11.07 -12.62
N ILE B 158 3.60 -10.82 -11.37
CA ILE B 158 3.91 -9.49 -10.86
C ILE B 158 5.33 -9.52 -10.33
N VAL B 159 6.08 -8.44 -10.60
CA VAL B 159 7.45 -8.29 -10.11
C VAL B 159 7.49 -7.07 -9.21
N ALA B 160 7.82 -7.29 -7.94
CA ALA B 160 7.90 -6.22 -6.95
C ALA B 160 9.33 -6.14 -6.44
N GLU B 161 9.97 -4.99 -6.66
CA GLU B 161 11.32 -4.75 -6.19
C GLU B 161 11.27 -4.00 -4.86
N PHE B 162 11.94 -4.55 -3.85
CA PHE B 162 11.97 -3.99 -2.51
C PHE B 162 13.37 -3.47 -2.19
N ASP B 163 13.59 -3.17 -0.91
CA ASP B 163 14.87 -2.69 -0.41
C ASP B 163 16.01 -3.59 -0.84
N SER B 164 16.04 -4.83 -0.34
CA SER B 164 17.20 -5.69 -0.45
C SER B 164 16.97 -6.90 -1.36
N PHE B 165 15.84 -6.99 -2.04
CA PHE B 165 15.56 -8.17 -2.86
C PHE B 165 14.47 -7.85 -3.86
N VAL B 166 14.27 -8.77 -4.79
CA VAL B 166 13.22 -8.66 -5.81
C VAL B 166 12.28 -9.84 -5.66
N LEU B 167 11.01 -9.55 -5.41
CA LEU B 167 9.97 -10.57 -5.27
C LEU B 167 9.26 -10.74 -6.61
N VAL B 168 9.16 -11.99 -7.05
CA VAL B 168 8.36 -12.36 -8.21
C VAL B 168 7.29 -13.34 -7.73
N THR B 169 6.04 -13.06 -8.05
CA THR B 169 5.00 -14.05 -7.87
C THR B 169 4.48 -14.45 -9.25
N ALA B 170 4.12 -15.72 -9.37
CA ALA B 170 3.82 -16.28 -10.68
C ALA B 170 2.77 -17.36 -10.56
N TYR B 171 1.90 -17.43 -11.56
CA TYR B 171 0.92 -18.49 -11.72
C TYR B 171 1.26 -19.13 -13.06
N VAL B 172 2.12 -20.14 -13.01
CA VAL B 172 2.70 -20.75 -14.23
C VAL B 172 1.59 -21.45 -15.00
N PRO B 173 1.50 -21.29 -16.33
CA PRO B 173 0.43 -21.92 -17.08
C PRO B 173 0.48 -23.44 -16.94
N ASN B 174 -0.70 -24.03 -16.77
CA ASN B 174 -0.81 -25.47 -16.58
C ASN B 174 -0.84 -26.16 -17.94
N ALA B 175 -0.17 -27.32 -18.02
CA ALA B 175 -0.03 -28.03 -19.29
C ALA B 175 -1.36 -28.55 -19.82
N GLY B 176 -2.34 -28.77 -18.96
CA GLY B 176 -3.70 -29.07 -19.38
C GLY B 176 -4.02 -30.56 -19.35
N ARG B 177 -5.32 -30.84 -19.41
CA ARG B 177 -5.81 -32.21 -19.59
C ARG B 177 -5.35 -32.76 -20.93
N GLY B 178 -4.68 -33.91 -20.89
CA GLY B 178 -4.15 -34.48 -22.12
C GLY B 178 -3.05 -33.66 -22.75
N LEU B 179 -2.42 -32.76 -21.99
CA LEU B 179 -1.25 -31.99 -22.42
C LEU B 179 -1.58 -31.06 -23.58
N VAL B 180 -2.84 -30.62 -23.65
CA VAL B 180 -3.31 -29.78 -24.74
C VAL B 180 -2.47 -28.50 -24.87
N ARG B 181 -1.95 -28.00 -23.75
CA ARG B 181 -1.19 -26.76 -23.73
C ARG B 181 0.28 -26.96 -23.35
N LEU B 182 0.78 -28.20 -23.46
CA LEU B 182 2.15 -28.48 -23.06
C LEU B 182 3.15 -27.65 -23.87
N GLU B 183 2.88 -27.45 -25.16
CA GLU B 183 3.78 -26.64 -25.98
C GLU B 183 3.79 -25.19 -25.52
N TYR B 184 2.61 -24.62 -25.29
CA TYR B 184 2.56 -23.27 -24.73
C TYR B 184 3.30 -23.20 -23.40
N ARG B 185 3.14 -24.22 -22.56
CA ARG B 185 3.85 -24.26 -21.29
C ARG B 185 5.35 -24.32 -21.50
N GLN B 186 5.80 -25.02 -22.54
CA GLN B 186 7.23 -25.16 -22.78
C GLN B 186 7.84 -23.83 -23.22
N ARG B 187 7.20 -23.15 -24.16
CA ARG B 187 7.65 -21.81 -24.56
C ARG B 187 7.66 -20.87 -23.37
N TRP B 188 6.59 -20.86 -22.60
CA TRP B 188 6.49 -19.94 -21.46
C TRP B 188 7.59 -20.21 -20.44
N ASP B 189 7.96 -21.48 -20.26
CA ASP B 189 9.05 -21.84 -19.36
C ASP B 189 10.36 -21.19 -19.80
N GLU B 190 10.75 -21.39 -21.05
CA GLU B 190 11.98 -20.79 -21.55
C GLU B 190 11.94 -19.28 -21.41
N ALA B 191 10.86 -18.65 -21.87
CA ALA B 191 10.72 -17.20 -21.74
C ALA B 191 10.85 -16.75 -20.29
N PHE B 192 10.37 -17.56 -19.35
CA PHE B 192 10.36 -17.17 -17.94
C PHE B 192 11.77 -17.20 -17.35
N ARG B 193 12.53 -18.27 -17.62
CA ARG B 193 13.91 -18.34 -17.15
C ARG B 193 14.73 -17.15 -17.64
N LYS B 194 14.73 -16.94 -18.95
CA LYS B 194 15.46 -15.82 -19.54
C LYS B 194 15.17 -14.53 -18.79
N PHE B 195 13.89 -14.16 -18.72
CA PHE B 195 13.47 -12.95 -18.02
C PHE B 195 13.98 -12.92 -16.59
N LEU B 196 13.89 -14.04 -15.88
CA LEU B 196 14.32 -14.06 -14.49
C LEU B 196 15.83 -13.88 -14.34
N LYS B 197 16.62 -14.17 -15.38
CA LYS B 197 18.05 -13.95 -15.30
C LYS B 197 18.39 -12.47 -15.27
N GLY B 198 17.65 -11.66 -16.03
CA GLY B 198 17.86 -10.21 -16.03
C GLY B 198 17.58 -9.54 -14.71
N LEU B 199 16.89 -10.22 -13.80
CA LEU B 199 16.57 -9.66 -12.48
C LEU B 199 17.56 -10.08 -11.41
N ALA B 200 17.87 -11.37 -11.31
CA ALA B 200 18.78 -11.84 -10.28
C ALA B 200 20.20 -11.34 -10.50
N SER B 201 20.55 -10.92 -11.71
CA SER B 201 21.85 -10.29 -11.93
C SER B 201 21.89 -8.85 -11.44
N ARG B 202 20.80 -8.35 -10.85
CA ARG B 202 20.72 -7.00 -10.32
C ARG B 202 20.57 -6.94 -8.81
N LYS B 203 19.90 -7.90 -8.21
CA LYS B 203 19.50 -7.88 -6.81
C LYS B 203 18.95 -9.27 -6.48
N PRO B 204 19.16 -9.79 -5.27
CA PRO B 204 18.74 -11.17 -4.99
C PRO B 204 17.24 -11.36 -5.18
N LEU B 205 16.85 -12.59 -5.49
CA LEU B 205 15.53 -12.91 -6.02
C LEU B 205 14.77 -13.83 -5.08
N VAL B 206 13.50 -13.52 -4.87
CA VAL B 206 12.53 -14.46 -4.30
C VAL B 206 11.45 -14.67 -5.36
N LEU B 207 11.25 -15.93 -5.75
CA LEU B 207 10.18 -16.31 -6.66
C LEU B 207 9.23 -17.24 -5.90
N CYS B 208 7.96 -16.88 -5.86
CA CYS B 208 6.94 -17.69 -5.21
C CYS B 208 5.73 -17.83 -6.11
N GLY B 209 4.87 -18.78 -5.76
CA GLY B 209 3.59 -18.94 -6.40
C GLY B 209 3.37 -20.37 -6.86
N ASP B 210 2.37 -20.54 -7.71
CA ASP B 210 1.99 -21.84 -8.25
C ASP B 210 2.83 -22.08 -9.50
N LEU B 211 3.86 -22.90 -9.36
CA LEU B 211 4.75 -23.19 -10.49
C LEU B 211 4.24 -24.34 -11.34
N ASN B 212 3.18 -25.03 -10.90
CA ASN B 212 2.50 -26.06 -11.68
C ASN B 212 3.45 -27.15 -12.15
N VAL B 213 4.33 -27.59 -11.25
CA VAL B 213 5.14 -28.78 -11.47
C VAL B 213 5.57 -29.36 -10.12
N ALA B 214 5.45 -30.66 -9.97
CA ALA B 214 6.15 -31.37 -8.91
C ALA B 214 7.53 -31.75 -9.45
N HIS B 215 8.58 -31.19 -8.85
CA HIS B 215 9.94 -31.36 -9.36
C HIS B 215 10.33 -32.83 -9.41
N GLU B 216 10.37 -33.49 -8.26
CA GLU B 216 10.82 -34.87 -8.16
C GLU B 216 9.70 -35.75 -7.62
N GLU B 217 9.95 -37.07 -7.70
CA GLU B 217 9.00 -38.07 -7.24
C GLU B 217 8.47 -37.78 -5.84
N ILE B 218 9.38 -37.42 -4.92
CA ILE B 218 9.02 -37.16 -3.53
C ILE B 218 7.98 -36.04 -3.40
N ASP B 219 7.81 -35.23 -4.44
CA ASP B 219 6.98 -34.01 -4.37
C ASP B 219 5.51 -34.27 -4.64
N LEU B 220 5.15 -35.41 -5.20
CA LEU B 220 3.76 -35.76 -5.38
C LEU B 220 3.53 -37.19 -4.89
N ARG B 221 2.27 -37.52 -4.69
CA ARG B 221 1.94 -38.79 -4.07
C ARG B 221 1.97 -39.95 -5.06
N ASN B 222 1.51 -39.73 -6.30
CA ASN B 222 1.44 -40.78 -7.31
C ASN B 222 2.41 -40.53 -8.46
N PRO B 223 3.73 -40.70 -8.25
CA PRO B 223 4.67 -40.41 -9.34
C PRO B 223 4.47 -41.27 -10.59
N LYS B 224 4.22 -42.57 -10.43
CA LYS B 224 4.22 -43.47 -11.59
C LYS B 224 2.99 -43.25 -12.46
N GLY B 225 1.82 -43.13 -11.85
CA GLY B 225 0.61 -42.90 -12.63
C GLY B 225 0.47 -41.50 -13.20
N ASN B 226 1.45 -40.62 -13.00
CA ASN B 226 1.32 -39.23 -13.39
C ASN B 226 2.41 -38.75 -14.33
N LYS B 227 3.33 -39.62 -14.74
CA LYS B 227 4.46 -39.19 -15.58
C LYS B 227 4.02 -38.67 -16.94
N LYS B 228 2.76 -38.85 -17.33
CA LYS B 228 2.24 -38.28 -18.57
C LYS B 228 1.15 -37.24 -18.30
N ASN B 229 1.12 -36.66 -17.11
CA ASN B 229 0.09 -35.69 -16.74
C ASN B 229 0.71 -34.33 -16.45
N ALA B 230 -0.08 -33.29 -16.72
CA ALA B 230 0.32 -31.91 -16.44
C ALA B 230 0.79 -31.77 -15.00
N GLY B 231 2.02 -31.28 -14.84
CA GLY B 231 2.65 -31.19 -13.54
C GLY B 231 3.75 -32.20 -13.31
N PHE B 232 3.88 -33.22 -14.17
CA PHE B 232 4.93 -34.21 -13.94
C PHE B 232 5.43 -34.86 -15.23
N THR B 233 5.26 -34.22 -16.38
CA THR B 233 5.86 -34.69 -17.62
C THR B 233 7.38 -34.50 -17.56
N PRO B 234 8.13 -35.21 -18.40
CA PRO B 234 9.59 -34.96 -18.44
C PRO B 234 9.93 -33.52 -18.76
N GLN B 235 9.22 -32.92 -19.71
CA GLN B 235 9.49 -31.55 -20.11
C GLN B 235 9.29 -30.58 -18.94
N GLU B 236 8.19 -30.76 -18.20
CA GLU B 236 7.90 -29.87 -17.07
C GLU B 236 8.94 -30.00 -15.98
N ARG B 237 9.27 -31.24 -15.61
CA ARG B 237 10.31 -31.44 -14.60
C ARG B 237 11.66 -30.95 -15.09
N GLN B 238 11.96 -31.18 -16.38
CA GLN B 238 13.16 -30.60 -16.99
C GLN B 238 13.15 -29.08 -16.83
N GLY B 239 12.01 -28.44 -17.14
CA GLY B 239 11.95 -26.99 -17.08
C GLY B 239 12.22 -26.43 -15.71
N PHE B 240 11.69 -27.07 -14.67
CA PHE B 240 11.95 -26.64 -13.30
C PHE B 240 13.43 -26.80 -12.96
N GLY B 241 14.05 -27.90 -13.39
CA GLY B 241 15.47 -28.08 -13.18
C GLY B 241 16.30 -27.02 -13.89
N GLU B 242 15.91 -26.66 -15.10
CA GLU B 242 16.62 -25.59 -15.81
C GLU B 242 16.46 -24.26 -15.10
N LEU B 243 15.26 -23.99 -14.58
CA LEU B 243 15.05 -22.79 -13.76
C LEU B 243 16.04 -22.75 -12.60
N LEU B 244 16.14 -23.86 -11.85
CA LEU B 244 17.07 -23.90 -10.73
C LEU B 244 18.50 -23.70 -11.19
N GLN B 245 18.86 -24.28 -12.34
CA GLN B 245 20.23 -24.20 -12.82
C GLN B 245 20.58 -22.80 -13.32
N ALA B 246 19.76 -22.27 -14.23
CA ALA B 246 20.16 -21.09 -15.01
C ALA B 246 20.26 -19.84 -14.15
N VAL B 247 19.28 -19.60 -13.28
CA VAL B 247 19.11 -18.28 -12.69
C VAL B 247 20.26 -17.86 -11.74
N PRO B 248 20.69 -18.72 -10.81
CA PRO B 248 20.19 -19.97 -10.23
C PRO B 248 19.34 -19.72 -9.00
N LEU B 249 18.50 -20.69 -8.64
CA LEU B 249 17.66 -20.60 -7.45
C LEU B 249 17.73 -21.90 -6.67
N ALA B 250 17.36 -21.82 -5.40
CA ALA B 250 17.24 -22.98 -4.52
C ALA B 250 15.79 -23.14 -4.08
N ASP B 251 15.30 -24.38 -4.12
CA ASP B 251 13.97 -24.72 -3.59
C ASP B 251 14.03 -24.63 -2.07
N SER B 252 13.48 -23.55 -1.52
CA SER B 252 13.69 -23.25 -0.10
C SER B 252 13.20 -24.38 0.79
N PHE B 253 12.08 -25.02 0.44
CA PHE B 253 11.55 -26.08 1.29
C PHE B 253 12.41 -27.34 1.22
N ARG B 254 12.86 -27.73 0.03
CA ARG B 254 13.76 -28.88 -0.07
C ARG B 254 15.10 -28.59 0.57
N HIS B 255 15.58 -27.36 0.47
CA HIS B 255 16.85 -27.00 1.10
C HIS B 255 16.84 -27.32 2.59
N LEU B 256 15.69 -27.16 3.24
CA LEU B 256 15.57 -27.44 4.67
C LEU B 256 15.09 -28.85 4.97
N TYR B 257 14.17 -29.38 4.16
CA TYR B 257 13.58 -30.70 4.36
C TYR B 257 13.83 -31.56 3.13
N PRO B 258 15.10 -31.89 2.86
CA PRO B 258 15.40 -32.69 1.66
C PRO B 258 14.89 -34.10 1.72
N ASN B 259 14.68 -34.67 2.92
CA ASN B 259 14.30 -36.06 3.09
C ASN B 259 12.85 -36.23 3.51
N THR B 260 12.02 -35.18 3.42
CA THR B 260 10.66 -35.22 3.94
C THR B 260 9.69 -35.57 2.82
N PRO B 261 8.95 -36.68 2.92
CA PRO B 261 7.94 -36.98 1.89
C PRO B 261 6.55 -36.54 2.33
N TYR B 262 5.58 -36.64 1.42
CA TYR B 262 4.17 -36.43 1.70
C TYR B 262 3.82 -34.96 1.98
N ALA B 263 4.68 -34.02 1.58
CA ALA B 263 4.48 -32.61 1.85
C ALA B 263 3.96 -31.94 0.59
N TYR B 264 2.64 -31.72 0.53
CA TYR B 264 2.01 -31.20 -0.67
C TYR B 264 1.33 -29.86 -0.39
N THR B 265 0.99 -29.16 -1.47
CA THR B 265 0.30 -27.88 -1.38
C THR B 265 -0.99 -27.85 -2.18
N PHE B 266 -1.30 -28.89 -2.94
CA PHE B 266 -2.52 -28.97 -3.73
C PHE B 266 -3.06 -30.39 -3.67
N TRP B 267 -4.38 -30.51 -3.62
CA TRP B 267 -5.07 -31.77 -3.76
C TRP B 267 -6.28 -31.52 -4.64
N THR B 268 -6.55 -32.44 -5.57
CA THR B 268 -7.76 -32.31 -6.36
C THR B 268 -8.98 -32.32 -5.45
N TYR B 269 -9.99 -31.51 -5.80
CA TYR B 269 -11.22 -31.50 -5.02
C TYR B 269 -11.91 -32.85 -5.02
N MET B 270 -11.55 -33.75 -5.94
CA MET B 270 -12.28 -34.97 -6.17
C MET B 270 -11.69 -36.13 -5.39
N MET B 271 -12.51 -37.19 -5.22
CA MET B 271 -12.10 -38.45 -4.62
C MET B 271 -11.57 -38.25 -3.20
N ASN B 272 -11.98 -37.16 -2.57
CA ASN B 272 -11.46 -36.72 -1.26
C ASN B 272 -9.96 -36.89 -1.17
N ALA B 273 -9.25 -36.40 -2.20
CA ALA B 273 -7.80 -36.51 -2.19
C ALA B 273 -7.18 -35.81 -0.99
N ARG B 274 -7.76 -34.69 -0.56
CA ARG B 274 -7.13 -33.91 0.50
C ARG B 274 -7.14 -34.65 1.84
N SER B 275 -8.26 -35.31 2.18
CA SER B 275 -8.28 -36.04 3.44
C SER B 275 -7.42 -37.29 3.41
N LYS B 276 -7.16 -37.84 2.21
CA LYS B 276 -6.17 -38.91 2.07
C LYS B 276 -4.75 -38.39 1.93
N ASN B 277 -4.59 -37.07 1.76
CA ASN B 277 -3.30 -36.45 1.42
C ASN B 277 -2.72 -37.04 0.14
N VAL B 278 -3.59 -37.22 -0.85
CA VAL B 278 -3.16 -37.57 -2.21
C VAL B 278 -3.01 -36.25 -2.94
N GLY B 279 -1.78 -35.73 -2.97
CA GLY B 279 -1.57 -34.35 -3.38
C GLY B 279 -0.27 -34.15 -4.14
N TRP B 280 -0.03 -32.89 -4.48
CA TRP B 280 1.15 -32.45 -5.19
C TRP B 280 1.75 -31.25 -4.46
N ARG B 281 3.07 -31.12 -4.57
CA ARG B 281 3.74 -29.89 -4.15
C ARG B 281 3.94 -29.06 -5.42
N LEU B 282 3.00 -28.15 -5.66
CA LEU B 282 3.07 -27.27 -6.82
C LEU B 282 3.44 -25.84 -6.47
N ASP B 283 3.46 -25.49 -5.18
CA ASP B 283 3.66 -24.11 -4.75
C ASP B 283 4.97 -24.00 -3.99
N TYR B 284 5.79 -23.02 -4.37
CA TYR B 284 7.19 -22.96 -3.97
C TYR B 284 7.58 -21.55 -3.58
N PHE B 285 8.59 -21.47 -2.71
CA PHE B 285 9.47 -20.30 -2.61
C PHE B 285 10.85 -20.70 -3.13
N LEU B 286 11.29 -20.06 -4.20
CA LEU B 286 12.64 -20.25 -4.73
C LEU B 286 13.48 -19.01 -4.42
N LEU B 287 14.74 -19.23 -4.05
CA LEU B 287 15.60 -18.17 -3.58
C LEU B 287 16.94 -18.19 -4.29
N SER B 288 17.50 -17.00 -4.51
CA SER B 288 18.91 -16.87 -4.86
C SER B 288 19.75 -17.53 -3.78
N HIS B 289 20.95 -17.99 -4.18
CA HIS B 289 21.82 -18.66 -3.22
CA HIS B 289 21.83 -18.65 -3.23
C HIS B 289 22.26 -17.71 -2.11
N SER B 290 22.44 -16.42 -2.42
CA SER B 290 22.89 -15.47 -1.42
C SER B 290 21.88 -15.21 -0.32
N LEU B 291 20.65 -15.71 -0.44
CA LEU B 291 19.65 -15.52 0.59
C LEU B 291 19.47 -16.75 1.48
N LEU B 292 20.16 -17.85 1.17
CA LEU B 292 20.17 -18.98 2.10
C LEU B 292 20.62 -18.61 3.50
N PRO B 293 21.63 -17.77 3.72
CA PRO B 293 21.95 -17.36 5.11
C PRO B 293 20.79 -16.70 5.84
N ALA B 294 19.84 -16.10 5.12
CA ALA B 294 18.69 -15.45 5.75
C ALA B 294 17.49 -16.38 5.88
N LEU B 295 17.54 -17.56 5.29
CA LEU B 295 16.40 -18.48 5.26
C LEU B 295 16.16 -19.05 6.66
N CYS B 296 15.04 -18.65 7.28
CA CYS B 296 14.68 -19.17 8.60
C CYS B 296 13.80 -20.40 8.51
N ASP B 297 12.86 -20.42 7.57
CA ASP B 297 11.94 -21.54 7.42
C ASP B 297 11.09 -21.33 6.18
N SER B 298 10.52 -22.43 5.69
CA SER B 298 9.61 -22.43 4.55
C SER B 298 8.46 -23.36 4.94
N LYS B 299 7.28 -22.81 5.14
CA LYS B 299 6.18 -23.55 5.75
C LYS B 299 5.16 -24.01 4.69
N ILE B 300 4.42 -25.05 5.06
CA ILE B 300 3.25 -25.50 4.31
C ILE B 300 2.08 -25.50 5.28
N ARG B 301 1.10 -24.63 5.03
CA ARG B 301 -0.05 -24.48 5.93
C ARG B 301 -1.18 -25.42 5.50
N SER B 302 -0.96 -26.70 5.78
CA SER B 302 -1.83 -27.76 5.25
C SER B 302 -3.28 -27.61 5.70
N LYS B 303 -3.52 -27.01 6.87
CA LYS B 303 -4.85 -26.99 7.46
C LYS B 303 -5.70 -25.81 7.00
N ALA B 304 -5.13 -24.82 6.33
CA ALA B 304 -5.91 -23.65 5.95
C ALA B 304 -6.78 -24.00 4.75
N LEU B 305 -8.09 -23.91 4.92
CA LEU B 305 -9.01 -24.25 3.85
C LEU B 305 -9.37 -23.02 3.03
N GLY B 306 -10.09 -23.24 1.93
CA GLY B 306 -10.57 -22.16 1.10
C GLY B 306 -10.24 -22.30 -0.37
N SER B 307 -9.50 -23.35 -0.72
CA SER B 307 -9.01 -23.56 -2.07
C SER B 307 -8.59 -25.02 -2.19
N ASP B 308 -8.35 -25.47 -3.43
CA ASP B 308 -7.70 -26.76 -3.59
C ASP B 308 -6.17 -26.66 -3.48
N HIS B 309 -5.64 -25.46 -3.27
CA HIS B 309 -4.29 -25.27 -2.78
C HIS B 309 -4.34 -24.77 -1.35
N CYS B 310 -3.25 -24.98 -0.63
CA CYS B 310 -3.09 -24.44 0.71
C CYS B 310 -2.00 -23.37 0.71
N PRO B 311 -1.97 -22.51 1.73
CA PRO B 311 -0.96 -21.47 1.77
C PRO B 311 0.44 -22.03 2.01
N ILE B 312 1.43 -21.24 1.61
CA ILE B 312 2.82 -21.47 1.98
C ILE B 312 3.36 -20.17 2.56
N THR B 313 4.26 -20.28 3.52
CA THR B 313 4.77 -19.11 4.23
C THR B 313 6.27 -19.20 4.37
N LEU B 314 6.95 -18.11 4.04
CA LEU B 314 8.41 -18.01 4.14
C LEU B 314 8.78 -17.05 5.26
N TYR B 315 9.82 -17.38 6.01
CA TYR B 315 10.46 -16.46 6.93
C TYR B 315 11.88 -16.20 6.46
N LEU B 316 12.23 -14.93 6.33
CA LEU B 316 13.59 -14.51 6.03
C LEU B 316 14.06 -13.54 7.11
N ALA B 317 15.36 -13.58 7.40
CA ALA B 317 15.98 -12.68 8.37
C ALA B 317 16.79 -11.67 7.56
N LEU B 318 16.24 -10.47 7.39
CA LEU B 318 16.86 -9.46 6.54
C LEU B 318 17.35 -8.28 7.35
O5' DV3 C 11 4.86 25.49 -2.76
O5' DV3 C 11 4.82 25.38 -2.77
P DV3 C 11 5.77 24.41 -1.91
P DV3 C 11 5.78 24.34 -1.93
SP3 DV3 C 11 4.77 22.53 -1.83
SP3 DV3 C 11 5.73 24.84 0.14
OP2 DV3 C 11 6.00 24.97 -0.37
OP2 DV3 C 11 5.21 22.79 -2.12
C2' DV3 C 11 2.91 29.39 -3.76
C2' DV3 C 11 2.79 29.26 -3.79
C5' DV3 C 11 5.17 26.84 -2.66
C5' DV3 C 11 5.11 26.75 -2.69
C4' DV3 C 11 4.32 27.60 -3.64
C4' DV3 C 11 4.22 27.47 -3.67
O4' DV3 C 11 2.73 27.13 -3.51
O4' DV3 C 11 2.63 26.99 -3.49
C1' DV3 C 11 2.03 28.11 -3.98
C1' DV3 C 11 1.91 27.96 -3.96
C3' DV3 C 11 4.35 28.86 -3.38
C3' DV3 C 11 4.24 28.74 -3.44
O3' DV3 C 11 5.38 29.54 -4.20
O3' DV3 C 11 5.24 29.41 -4.31
C1 EDO E . 2.20 34.70 12.16
O1 EDO E . 2.56 36.04 12.51
C2 EDO E . 3.38 34.02 11.45
O2 EDO E . 4.53 34.05 12.31
#